data_1XIP
#
_entry.id   1XIP
#
_cell.length_a   60.359
_cell.length_b   71.516
_cell.length_c   90.728
_cell.angle_alpha   90.00
_cell.angle_beta   90.00
_cell.angle_gamma   90.00
#
_symmetry.space_group_name_H-M   'P 21 21 21'
#
loop_
_entity.id
_entity.type
_entity.pdbx_description
1 polymer 'Nucleoporin NUP159'
2 water water
#
_entity_poly.entity_id   1
_entity_poly.type   'polypeptide(L)'
_entity_poly.pdbx_seq_one_letter_code
;GASSLKDEVPTETSEDFGFKFLGQKQILPSFNEKLPFASLQNLDISNSKSLFVAASGSKAVVGELQLLRDHITSDSTPLT
FKWEKEIPDVIFVCFHGDQVLVSTRNALYSLDLEELSEFRTVTSFEKPVFQLKNVNNTLVILNSVNDLSALDLRTKSTKQ
LAQNVTSFDVTNSQLAVLLKDRSFQSFAWRNGE(MSE)EKQFEFSLPSELEELPVEEYSPLSVTILSPQDFLAVFGNVIS
ETDDEVSYDQK(MSE)YIIKHIDGSASFQETFDITPPFGQIVRFPY(MSE)YKVTLSGLIEPDANVNVLASSCSSEVSIW
DSKQVIEPSQDSERAVLPISEETDKDTNPIGVAVDVVTSGTILEPCSGVDTIERLPLVYILNNEGSLQIVGLFHVAAIKS
;
_entity_poly.pdbx_strand_id   A
#
# COMPACT_ATOMS: atom_id res chain seq x y z
N ALA A 2 27.86 9.88 -7.92
CA ALA A 2 26.98 10.84 -7.19
C ALA A 2 26.24 10.17 -6.01
N SER A 3 25.77 8.94 -6.20
CA SER A 3 25.06 8.20 -5.15
C SER A 3 26.01 7.39 -4.32
N SER A 4 25.78 7.34 -3.02
CA SER A 4 26.67 6.60 -2.12
C SER A 4 25.96 5.59 -1.22
N LEU A 5 26.65 4.49 -0.89
CA LEU A 5 26.15 3.46 0.03
C LEU A 5 26.73 3.70 1.40
N LYS A 6 25.87 3.84 2.39
CA LYS A 6 26.32 4.07 3.76
C LYS A 6 26.03 2.85 4.63
N ASP A 7 26.23 2.99 5.94
CA ASP A 7 26.00 1.88 6.87
C ASP A 7 24.52 1.54 7.03
N GLU A 8 24.28 0.30 7.44
CA GLU A 8 22.98 -0.21 7.83
C GLU A 8 22.17 0.81 8.63
N VAL A 9 20.89 0.99 8.31
CA VAL A 9 20.01 1.81 9.12
C VAL A 9 19.73 1.06 10.41
N PRO A 10 19.87 1.73 11.55
CA PRO A 10 19.78 1.04 12.84
C PRO A 10 18.33 0.92 13.37
N THR A 11 18.11 -0.06 14.24
CA THR A 11 16.79 -0.28 14.80
C THR A 11 16.74 0.10 16.27
N GLU A 12 15.83 1.02 16.58
CA GLU A 12 15.61 1.46 17.94
C GLU A 12 14.55 0.58 18.58
N THR A 13 14.87 0.08 19.77
CA THR A 13 13.88 -0.53 20.64
C THR A 13 13.25 0.57 21.46
N SER A 14 11.94 0.72 21.32
CA SER A 14 11.24 1.81 21.97
C SER A 14 10.23 1.25 22.94
N GLU A 15 10.22 1.81 24.15
CA GLU A 15 9.24 1.44 25.16
C GLU A 15 8.03 2.36 25.14
N ASP A 16 7.93 3.18 24.09
CA ASP A 16 6.83 4.14 23.95
C ASP A 16 5.91 3.79 22.78
N PHE A 17 6.25 2.75 22.04
CA PHE A 17 5.49 2.34 20.87
C PHE A 17 5.02 0.93 21.03
N GLY A 18 3.76 0.70 20.63
CA GLY A 18 3.24 -0.65 20.54
C GLY A 18 1.91 -0.73 19.83
N PHE A 19 1.59 -1.94 19.37
CA PHE A 19 0.29 -2.24 18.82
C PHE A 19 -0.57 -2.96 19.86
N LYS A 20 -1.86 -2.65 19.87
CA LYS A 20 -2.84 -3.35 20.68
C LYS A 20 -3.79 -4.07 19.73
N PHE A 21 -3.79 -5.40 19.78
CA PHE A 21 -4.63 -6.22 18.91
C PHE A 21 -6.09 -6.08 19.31
N LEU A 22 -6.85 -5.41 18.47
CA LEU A 22 -8.23 -5.14 18.80
C LEU A 22 -9.18 -6.29 18.40
N GLY A 23 -8.88 -6.96 17.29
CA GLY A 23 -9.63 -8.15 16.87
C GLY A 23 -9.51 -8.51 15.39
N GLN A 24 -10.09 -9.65 15.03
CA GLN A 24 -9.95 -10.20 13.69
C GLN A 24 -11.12 -11.11 13.31
N LYS A 25 -11.65 -10.93 12.11
CA LYS A 25 -12.76 -11.73 11.61
C LYS A 25 -12.76 -11.77 10.08
N GLN A 26 -13.23 -12.88 9.52
CA GLN A 26 -13.45 -12.96 8.09
C GLN A 26 -14.69 -12.18 7.79
N ILE A 27 -14.56 -11.15 6.97
CA ILE A 27 -15.69 -10.32 6.62
C ILE A 27 -16.05 -10.45 5.14
N LEU A 28 -15.19 -11.11 4.38
CA LEU A 28 -15.41 -11.27 2.94
C LEU A 28 -14.86 -12.61 2.48
N PRO A 29 -15.25 -13.09 1.31
CA PRO A 29 -14.70 -14.36 0.81
C PRO A 29 -13.19 -14.26 0.48
N SER A 30 -12.53 -15.42 0.61
CA SER A 30 -11.11 -15.58 0.33
C SER A 30 -10.80 -15.61 -1.16
N PHE A 31 -9.56 -15.29 -1.50
CA PHE A 31 -9.04 -15.43 -2.85
C PHE A 31 -8.54 -16.86 -3.12
N ASN A 32 -8.56 -17.70 -2.08
CA ASN A 32 -8.01 -19.05 -2.14
C ASN A 32 -6.66 -19.12 -2.83
N GLU A 33 -5.83 -18.12 -2.56
CA GLU A 33 -4.42 -18.06 -3.02
C GLU A 33 -4.27 -17.66 -4.49
N LYS A 34 -5.39 -17.42 -5.17
CA LYS A 34 -5.38 -16.88 -6.51
C LYS A 34 -5.79 -15.39 -6.50
N LEU A 35 -4.80 -14.50 -6.46
CA LEU A 35 -5.00 -13.06 -6.37
C LEU A 35 -4.68 -12.42 -7.71
N PRO A 36 -5.31 -11.29 -8.05
CA PRO A 36 -4.99 -10.60 -9.31
C PRO A 36 -3.54 -10.11 -9.27
N PHE A 37 -2.77 -10.44 -10.31
CA PHE A 37 -1.35 -10.09 -10.35
C PHE A 37 -1.16 -8.61 -10.57
N ALA A 38 -1.32 -7.84 -9.50
CA ALA A 38 -1.22 -6.39 -9.50
C ALA A 38 -1.03 -5.99 -8.07
N SER A 39 -0.64 -4.77 -7.83
CA SER A 39 -0.58 -4.32 -6.48
C SER A 39 -2.02 -4.04 -6.08
N LEU A 40 -2.41 -4.49 -4.89
CA LEU A 40 -3.82 -4.44 -4.53
C LEU A 40 -4.01 -3.44 -3.43
N GLN A 41 -5.06 -2.65 -3.54
CA GLN A 41 -5.41 -1.66 -2.53
C GLN A 41 -6.88 -1.73 -2.27
N ASN A 42 -7.27 -2.83 -1.61
CA ASN A 42 -8.64 -3.27 -1.63
C ASN A 42 -9.42 -2.92 -0.34
N LEU A 43 -8.97 -1.87 0.35
CA LEU A 43 -9.67 -1.36 1.52
C LEU A 43 -9.40 0.11 1.66
N ASP A 44 -10.47 0.87 1.88
CA ASP A 44 -10.36 2.30 2.15
C ASP A 44 -11.37 2.69 3.21
N ILE A 45 -11.09 3.78 3.93
CA ILE A 45 -11.94 4.25 5.00
C ILE A 45 -12.12 5.74 4.82
N SER A 46 -13.34 6.20 5.00
CA SER A 46 -13.60 7.62 5.01
C SER A 46 -14.08 7.96 6.41
N ASN A 47 -13.26 8.71 7.12
CA ASN A 47 -13.58 9.12 8.47
C ASN A 47 -14.67 10.20 8.54
N SER A 48 -14.83 10.97 7.45
CA SER A 48 -15.83 12.04 7.41
C SER A 48 -17.20 11.47 7.18
N LYS A 49 -17.29 10.49 6.31
CA LYS A 49 -18.57 9.85 6.02
C LYS A 49 -18.87 8.71 7.00
N SER A 50 -17.85 8.27 7.73
CA SER A 50 -17.92 7.07 8.56
C SER A 50 -18.28 5.82 7.73
N LEU A 51 -17.53 5.56 6.66
CA LEU A 51 -17.80 4.41 5.79
C LEU A 51 -16.52 3.67 5.44
N PHE A 52 -16.65 2.45 4.93
CA PHE A 52 -15.53 1.70 4.33
C PHE A 52 -15.97 1.02 3.04
N VAL A 53 -15.03 0.92 2.10
CA VAL A 53 -15.12 -0.02 1.00
C VAL A 53 -14.05 -1.06 1.17
N ALA A 54 -14.36 -2.26 0.70
CA ALA A 54 -13.44 -3.39 0.75
C ALA A 54 -13.84 -4.31 -0.36
N ALA A 55 -12.85 -5.01 -0.91
CA ALA A 55 -13.07 -6.04 -1.88
C ALA A 55 -12.15 -7.25 -1.65
N SER A 56 -12.71 -8.44 -1.58
CA SER A 56 -11.92 -9.67 -1.52
C SER A 56 -12.67 -10.77 -2.20
N GLY A 57 -11.94 -11.70 -2.80
CA GLY A 57 -12.56 -12.83 -3.50
C GLY A 57 -13.73 -12.49 -4.42
N SER A 58 -13.58 -11.49 -5.28
CA SER A 58 -14.62 -11.15 -6.24
C SER A 58 -15.86 -10.42 -5.68
N LYS A 59 -15.96 -10.28 -4.36
CA LYS A 59 -17.04 -9.47 -3.75
C LYS A 59 -16.51 -8.14 -3.28
N ALA A 60 -17.10 -7.05 -3.79
CA ALA A 60 -16.84 -5.68 -3.32
C ALA A 60 -17.98 -5.17 -2.43
N VAL A 61 -17.67 -4.44 -1.37
CA VAL A 61 -18.73 -3.88 -0.50
C VAL A 61 -18.46 -2.46 -0.02
N VAL A 62 -19.51 -1.66 0.09
CA VAL A 62 -19.48 -0.43 0.89
C VAL A 62 -20.32 -0.67 2.17
N GLY A 63 -19.83 -0.24 3.33
CA GLY A 63 -20.54 -0.46 4.61
C GLY A 63 -20.29 0.62 5.69
N GLU A 64 -21.07 0.59 6.77
CA GLU A 64 -20.91 1.53 7.88
C GLU A 64 -19.65 1.21 8.71
N LEU A 65 -18.84 2.23 9.00
CA LEU A 65 -17.59 2.04 9.74
C LEU A 65 -17.81 1.65 11.20
N GLN A 66 -18.71 2.31 11.91
CA GLN A 66 -19.00 1.96 13.31
C GLN A 66 -19.40 0.50 13.41
N LEU A 67 -20.11 0.01 12.39
CA LEU A 67 -20.57 -1.37 12.33
C LEU A 67 -19.38 -2.32 12.22
N LEU A 68 -18.48 -2.03 11.31
CA LEU A 68 -17.31 -2.87 11.11
C LEU A 68 -16.45 -2.91 12.38
N ARG A 69 -16.22 -1.75 12.97
CA ARG A 69 -15.49 -1.69 14.22
C ARG A 69 -16.12 -2.62 15.25
N ASP A 70 -17.43 -2.47 15.48
CA ASP A 70 -18.16 -3.21 16.49
C ASP A 70 -18.22 -4.70 16.22
N HIS A 71 -18.34 -5.04 14.93
CA HIS A 71 -18.33 -6.45 14.52
C HIS A 71 -17.01 -7.13 14.88
N ILE A 72 -15.91 -6.42 14.63
CA ILE A 72 -14.58 -6.97 14.84
C ILE A 72 -14.21 -7.05 16.32
N THR A 73 -14.56 -6.01 17.09
CA THR A 73 -14.11 -5.89 18.47
C THR A 73 -15.02 -6.56 19.51
N SER A 74 -16.32 -6.59 19.24
CA SER A 74 -17.26 -7.35 20.07
C SER A 74 -17.70 -8.62 19.34
N ASP A 75 -18.52 -9.43 19.99
CA ASP A 75 -18.98 -10.68 19.36
C ASP A 75 -20.52 -10.75 19.30
N SER A 76 -21.13 -9.58 19.15
CA SER A 76 -22.58 -9.43 19.32
C SER A 76 -23.28 -8.75 18.13
N THR A 77 -22.51 -8.11 17.26
CA THR A 77 -23.09 -7.34 16.15
C THR A 77 -22.67 -7.90 14.78
N PRO A 78 -23.64 -8.37 14.00
CA PRO A 78 -23.37 -8.98 12.69
C PRO A 78 -22.93 -7.92 11.69
N LEU A 79 -22.21 -8.33 10.65
CA LEU A 79 -21.81 -7.40 9.60
C LEU A 79 -22.82 -7.40 8.48
N THR A 80 -23.52 -6.28 8.36
CA THR A 80 -24.36 -5.99 7.20
C THR A 80 -23.67 -4.90 6.36
N PHE A 81 -24.17 -4.68 5.14
CA PHE A 81 -23.56 -3.73 4.18
C PHE A 81 -24.59 -2.75 3.63
N LYS A 82 -24.14 -1.66 3.02
CA LYS A 82 -25.05 -0.71 2.39
C LYS A 82 -25.23 -1.08 0.93
N TRP A 83 -24.17 -1.60 0.33
CA TRP A 83 -24.12 -1.94 -1.08
C TRP A 83 -23.12 -3.06 -1.31
N GLU A 84 -23.37 -3.89 -2.32
CA GLU A 84 -22.43 -4.94 -2.70
C GLU A 84 -22.60 -5.35 -4.17
N LYS A 85 -21.51 -5.80 -4.76
CA LYS A 85 -21.52 -6.25 -6.13
C LYS A 85 -20.39 -7.23 -6.33
N GLU A 86 -20.68 -8.31 -7.03
CA GLU A 86 -19.67 -9.24 -7.47
C GLU A 86 -18.85 -8.60 -8.61
N ILE A 87 -17.58 -8.33 -8.35
CA ILE A 87 -16.64 -7.88 -9.36
C ILE A 87 -15.34 -8.68 -9.22
N PRO A 88 -15.07 -9.55 -10.19
CA PRO A 88 -13.91 -10.47 -10.15
C PRO A 88 -12.50 -9.88 -9.86
N ASP A 89 -12.05 -8.93 -10.65
CA ASP A 89 -10.62 -8.62 -10.63
C ASP A 89 -10.24 -7.30 -9.94
N VAL A 90 -10.74 -7.03 -8.74
CA VAL A 90 -10.47 -5.69 -8.22
C VAL A 90 -9.15 -5.50 -7.50
N ILE A 91 -8.50 -4.37 -7.81
CA ILE A 91 -7.16 -4.09 -7.34
C ILE A 91 -7.09 -2.77 -6.59
N PHE A 92 -8.18 -2.01 -6.65
CA PHE A 92 -8.17 -0.64 -6.18
C PHE A 92 -9.56 -0.15 -5.80
N VAL A 93 -9.65 0.45 -4.64
CA VAL A 93 -10.90 0.83 -4.03
C VAL A 93 -10.61 2.11 -3.23
N CYS A 94 -11.50 3.09 -3.29
CA CYS A 94 -11.23 4.37 -2.61
C CYS A 94 -12.36 5.39 -2.68
N PHE A 95 -12.49 6.21 -1.63
CA PHE A 95 -13.49 7.28 -1.61
C PHE A 95 -12.95 8.53 -2.27
N HIS A 96 -13.81 9.22 -3.02
CA HIS A 96 -13.46 10.45 -3.70
C HIS A 96 -14.68 11.34 -3.81
N GLY A 97 -14.69 12.45 -3.08
CA GLY A 97 -15.87 13.28 -3.06
C GLY A 97 -17.04 12.46 -2.58
N ASP A 98 -18.15 12.49 -3.30
CA ASP A 98 -19.31 11.69 -2.91
C ASP A 98 -19.42 10.37 -3.70
N GLN A 99 -18.28 9.83 -4.09
CA GLN A 99 -18.22 8.65 -4.93
C GLN A 99 -17.25 7.62 -4.36
N VAL A 100 -17.36 6.39 -4.85
CA VAL A 100 -16.36 5.39 -4.58
C VAL A 100 -15.77 4.92 -5.92
N LEU A 101 -14.46 4.95 -6.06
CA LEU A 101 -13.87 4.43 -7.26
C LEU A 101 -13.48 2.99 -7.04
N VAL A 102 -13.75 2.15 -8.03
CA VAL A 102 -13.36 0.76 -8.01
C VAL A 102 -12.66 0.47 -9.32
N SER A 103 -11.49 -0.13 -9.24
CA SER A 103 -10.75 -0.46 -10.43
C SER A 103 -10.37 -1.91 -10.45
N THR A 104 -10.63 -2.55 -11.59
CA THR A 104 -9.98 -3.83 -11.90
C THR A 104 -8.72 -3.55 -12.70
N ARG A 105 -8.12 -4.59 -13.24
CA ARG A 105 -6.96 -4.44 -14.11
C ARG A 105 -7.34 -3.78 -15.44
N ASN A 106 -8.61 -3.94 -15.85
CA ASN A 106 -9.02 -3.57 -17.21
C ASN A 106 -9.94 -2.36 -17.33
N ALA A 107 -10.57 -1.97 -16.22
CA ALA A 107 -11.51 -0.84 -16.21
C ALA A 107 -11.67 -0.19 -14.84
N LEU A 108 -12.09 1.07 -14.84
CA LEU A 108 -12.34 1.87 -13.65
C LEU A 108 -13.84 2.11 -13.51
N TYR A 109 -14.37 2.05 -12.28
CA TYR A 109 -15.81 2.18 -12.05
C TYR A 109 -16.10 3.16 -10.94
N SER A 110 -17.29 3.76 -11.02
CA SER A 110 -17.77 4.73 -10.04
C SER A 110 -19.09 4.30 -9.42
N LEU A 111 -19.17 4.33 -8.10
CA LEU A 111 -20.45 4.18 -7.42
C LEU A 111 -20.86 5.49 -6.75
N ASP A 112 -22.07 5.93 -7.01
CA ASP A 112 -22.56 7.18 -6.49
C ASP A 112 -23.06 6.93 -5.08
N LEU A 113 -22.52 7.64 -4.10
CA LEU A 113 -22.79 7.28 -2.70
C LEU A 113 -24.13 7.80 -2.25
N GLU A 114 -24.73 8.68 -3.05
CA GLU A 114 -26.05 9.20 -2.74
C GLU A 114 -27.17 8.58 -3.57
N GLU A 115 -26.81 7.92 -4.67
CA GLU A 115 -27.75 7.07 -5.40
C GLU A 115 -27.08 5.74 -5.74
N LEU A 116 -27.06 4.85 -4.76
CA LEU A 116 -26.31 3.59 -4.85
C LEU A 116 -26.73 2.66 -6.01
N SER A 117 -27.77 3.05 -6.73
CA SER A 117 -28.20 2.29 -7.90
C SER A 117 -27.23 2.46 -9.07
N GLU A 118 -26.48 3.56 -9.05
CA GLU A 118 -25.63 3.95 -10.18
C GLU A 118 -24.21 3.44 -10.04
N PHE A 119 -23.92 2.38 -10.79
CA PHE A 119 -22.58 1.83 -10.86
C PHE A 119 -22.05 1.97 -12.28
N ARG A 120 -21.34 3.06 -12.52
CA ARG A 120 -20.93 3.45 -13.86
C ARG A 120 -19.53 2.99 -14.21
N THR A 121 -19.31 2.73 -15.49
CA THR A 121 -17.96 2.55 -16.02
C THR A 121 -17.41 3.95 -16.21
N VAL A 122 -16.23 4.21 -15.67
CA VAL A 122 -15.58 5.49 -15.92
C VAL A 122 -14.77 5.40 -17.18
N THR A 123 -13.93 4.38 -17.28
CA THR A 123 -13.14 4.15 -18.46
C THR A 123 -12.57 2.74 -18.54
N SER A 124 -12.06 2.39 -19.71
CA SER A 124 -11.28 1.19 -19.93
C SER A 124 -9.84 1.60 -20.22
N PHE A 125 -8.92 0.67 -19.98
CA PHE A 125 -7.51 0.92 -20.17
C PHE A 125 -7.06 0.17 -21.42
N GLU A 126 -6.26 0.81 -22.26
CA GLU A 126 -5.76 0.16 -23.48
C GLU A 126 -4.88 -1.05 -23.16
N LYS A 127 -4.26 -1.03 -21.97
CA LYS A 127 -3.47 -2.16 -21.46
C LYS A 127 -3.70 -2.37 -19.94
N PRO A 128 -3.63 -3.63 -19.47
CA PRO A 128 -3.76 -3.94 -18.03
C PRO A 128 -2.93 -3.05 -17.10
N VAL A 129 -3.45 -2.79 -15.92
CA VAL A 129 -2.84 -1.83 -15.02
C VAL A 129 -2.27 -2.55 -13.79
N PHE A 130 -1.14 -2.07 -13.28
CA PHE A 130 -0.47 -2.65 -12.12
C PHE A 130 -0.76 -1.89 -10.82
N GLN A 131 -0.86 -0.56 -10.93
CA GLN A 131 -0.96 0.31 -9.77
C GLN A 131 -1.70 1.59 -10.05
N LEU A 132 -2.52 2.00 -9.09
CA LEU A 132 -3.27 3.24 -9.15
C LEU A 132 -3.09 3.96 -7.85
N LYS A 133 -2.96 5.28 -7.93
CA LYS A 133 -3.00 6.13 -6.76
C LYS A 133 -3.87 7.32 -7.05
N ASN A 134 -4.73 7.64 -6.10
CA ASN A 134 -5.51 8.85 -6.17
C ASN A 134 -4.86 9.96 -5.36
N VAL A 135 -4.72 11.15 -5.95
CA VAL A 135 -4.12 12.24 -5.17
C VAL A 135 -5.11 13.35 -4.83
N ASN A 136 -5.58 14.09 -5.82
CA ASN A 136 -6.72 14.97 -5.52
C ASN A 136 -7.90 14.60 -6.38
N ASN A 137 -7.98 15.25 -7.53
CA ASN A 137 -8.96 14.92 -8.54
C ASN A 137 -8.31 14.17 -9.68
N THR A 138 -7.22 13.48 -9.38
CA THR A 138 -6.50 12.79 -10.42
C THR A 138 -6.10 11.39 -9.99
N LEU A 139 -6.13 10.47 -10.95
CA LEU A 139 -5.71 9.09 -10.74
C LEU A 139 -4.44 8.86 -11.46
N VAL A 140 -3.40 8.48 -10.72
CA VAL A 140 -2.13 8.18 -11.34
C VAL A 140 -2.04 6.68 -11.57
N ILE A 141 -1.71 6.29 -12.79
CA ILE A 141 -1.86 4.92 -13.23
C ILE A 141 -0.57 4.36 -13.81
N LEU A 142 -0.13 3.22 -13.27
CA LEU A 142 0.99 2.52 -13.85
C LEU A 142 0.58 1.29 -14.64
N ASN A 143 0.96 1.33 -15.92
CA ASN A 143 0.63 0.36 -16.94
C ASN A 143 1.39 -0.96 -16.88
N SER A 144 0.85 -1.98 -17.54
CA SER A 144 1.52 -3.28 -17.69
C SER A 144 2.65 -3.22 -18.70
N VAL A 145 2.76 -2.08 -19.38
CA VAL A 145 3.79 -1.86 -20.40
C VAL A 145 4.76 -0.80 -19.89
N ASN A 146 4.67 -0.52 -18.59
CA ASN A 146 5.51 0.43 -17.88
C ASN A 146 5.33 1.89 -18.30
N ASP A 147 4.06 2.28 -18.47
CA ASP A 147 3.70 3.66 -18.85
C ASP A 147 2.98 4.35 -17.70
N LEU A 148 3.59 5.39 -17.15
CA LEU A 148 2.95 6.17 -16.08
C LEU A 148 2.06 7.26 -16.66
N SER A 149 0.76 7.20 -16.35
CA SER A 149 -0.21 8.13 -16.92
C SER A 149 -1.11 8.80 -15.87
N ALA A 150 -1.78 9.87 -16.28
CA ALA A 150 -2.62 10.65 -15.37
C ALA A 150 -4.04 10.81 -15.91
N LEU A 151 -5.01 10.43 -15.09
CA LEU A 151 -6.43 10.58 -15.41
C LEU A 151 -7.03 11.70 -14.59
N ASP A 152 -7.51 12.75 -15.25
CA ASP A 152 -8.29 13.78 -14.56
C ASP A 152 -9.71 13.28 -14.34
N LEU A 153 -10.13 13.26 -13.08
CA LEU A 153 -11.44 12.73 -12.75
C LEU A 153 -12.60 13.68 -13.10
N ARG A 154 -12.31 14.97 -13.17
CA ARG A 154 -13.29 15.98 -13.55
C ARG A 154 -13.62 15.98 -15.06
N THR A 155 -12.61 15.79 -15.90
CA THR A 155 -12.73 15.96 -17.37
C THR A 155 -12.58 14.65 -18.17
N LYS A 156 -12.19 13.58 -17.48
CA LYS A 156 -11.95 12.25 -18.07
C LYS A 156 -10.80 12.14 -19.10
N SER A 157 -10.02 13.21 -19.28
CA SER A 157 -8.88 13.20 -20.21
C SER A 157 -7.59 12.64 -19.58
N THR A 158 -6.69 12.11 -20.42
CA THR A 158 -5.49 11.42 -19.92
C THR A 158 -4.14 11.90 -20.46
N LYS A 159 -3.26 12.30 -19.54
CA LYS A 159 -1.90 12.77 -19.83
C LYS A 159 -0.89 11.61 -19.69
N GLN A 160 0.26 11.72 -20.36
CA GLN A 160 1.32 10.73 -20.20
C GLN A 160 2.45 11.31 -19.39
N LEU A 161 2.76 10.71 -18.25
CA LEU A 161 3.71 11.30 -17.32
C LEU A 161 5.14 10.82 -17.52
N ALA A 162 5.33 9.50 -17.54
CA ALA A 162 6.67 8.94 -17.66
C ALA A 162 6.65 7.58 -18.33
N GLN A 163 7.84 7.04 -18.56
CA GLN A 163 7.99 5.71 -19.17
C GLN A 163 9.03 4.89 -18.43
N ASN A 164 8.98 3.57 -18.67
CA ASN A 164 9.95 2.63 -18.12
C ASN A 164 9.94 2.56 -16.60
N VAL A 165 8.79 2.90 -16.02
CA VAL A 165 8.58 2.95 -14.57
C VAL A 165 8.21 1.54 -14.12
N THR A 166 8.72 1.11 -12.95
CA THR A 166 8.30 -0.17 -12.39
C THR A 166 7.58 0.00 -11.06
N SER A 167 7.82 1.13 -10.41
CA SER A 167 7.10 1.53 -9.23
C SER A 167 7.03 3.04 -9.13
N PHE A 168 5.93 3.54 -8.61
CA PHE A 168 5.80 4.97 -8.36
C PHE A 168 5.13 5.20 -7.01
N ASP A 169 5.25 6.41 -6.49
CA ASP A 169 4.51 6.82 -5.30
C ASP A 169 4.17 8.30 -5.45
N VAL A 170 3.02 8.73 -4.91
CA VAL A 170 2.67 10.15 -4.85
C VAL A 170 2.22 10.58 -3.49
N THR A 171 2.48 11.85 -3.19
CA THR A 171 1.81 12.55 -2.11
C THR A 171 1.09 13.74 -2.73
N ASN A 172 0.53 14.60 -1.90
CA ASN A 172 -0.08 15.82 -2.37
C ASN A 172 0.85 16.74 -3.17
N SER A 173 2.16 16.60 -2.95
CA SER A 173 3.12 17.55 -3.52
C SER A 173 4.34 16.95 -4.19
N GLN A 174 4.49 15.62 -4.12
CA GLN A 174 5.64 14.93 -4.70
C GLN A 174 5.24 13.70 -5.51
N LEU A 175 6.03 13.37 -6.53
CA LEU A 175 5.87 12.12 -7.31
C LEU A 175 7.24 11.48 -7.50
N ALA A 176 7.39 10.27 -6.98
CA ALA A 176 8.62 9.50 -7.13
C ALA A 176 8.45 8.33 -8.12
N VAL A 177 9.52 8.02 -8.82
CA VAL A 177 9.49 7.02 -9.87
C VAL A 177 10.74 6.12 -9.75
N LEU A 178 10.53 4.80 -9.80
CA LEU A 178 11.61 3.82 -9.89
C LEU A 178 11.63 3.25 -11.31
N LEU A 179 12.78 3.36 -11.97
CA LEU A 179 12.91 2.94 -13.36
C LEU A 179 13.50 1.54 -13.53
N LYS A 180 13.31 0.97 -14.73
CA LYS A 180 13.88 -0.34 -15.12
C LYS A 180 15.41 -0.45 -14.97
N ASP A 181 16.12 0.63 -15.29
CA ASP A 181 17.57 0.67 -15.09
C ASP A 181 17.95 0.83 -13.61
N ARG A 182 16.93 0.87 -12.75
CA ARG A 182 17.09 0.91 -11.30
C ARG A 182 17.50 2.28 -10.81
N SER A 183 17.25 3.30 -11.63
CA SER A 183 17.46 4.67 -11.20
C SER A 183 16.16 5.30 -10.68
N PHE A 184 16.32 6.42 -9.99
CA PHE A 184 15.23 7.11 -9.32
C PHE A 184 15.00 8.52 -9.85
N GLN A 185 13.75 8.95 -9.79
CA GLN A 185 13.40 10.30 -10.18
C GLN A 185 12.32 10.85 -9.28
N SER A 186 12.42 12.13 -8.99
CA SER A 186 11.50 12.77 -8.08
C SER A 186 11.03 14.06 -8.70
N PHE A 187 9.75 14.36 -8.56
CA PHE A 187 9.19 15.58 -9.15
C PHE A 187 8.39 16.33 -8.13
N ALA A 188 8.40 17.65 -8.22
CA ALA A 188 7.38 18.44 -7.56
C ALA A 188 6.06 18.19 -8.28
N TRP A 189 4.99 17.97 -7.51
CA TRP A 189 3.69 17.63 -8.05
C TRP A 189 2.57 18.61 -7.62
N ARG A 190 1.82 19.12 -8.59
CA ARG A 190 0.71 20.04 -8.31
C ARG A 190 -0.46 19.85 -9.28
N ASN A 191 -1.48 19.09 -8.85
CA ASN A 191 -2.71 18.90 -9.63
C ASN A 191 -2.50 18.51 -11.12
N GLY A 192 -1.78 17.41 -11.33
CA GLY A 192 -1.51 16.90 -12.69
C GLY A 192 -0.22 17.41 -13.29
N GLU A 193 0.34 18.45 -12.70
CA GLU A 193 1.53 19.12 -13.22
C GLU A 193 2.77 18.74 -12.42
N GLU A 195 7.39 19.05 -12.10
CA GLU A 195 8.68 19.59 -12.44
C GLU A 195 9.77 18.78 -11.74
N LYS A 196 10.72 18.26 -12.51
CA LYS A 196 11.85 17.48 -11.97
C LYS A 196 12.48 18.17 -10.78
N GLN A 197 12.59 17.45 -9.67
CA GLN A 197 13.19 18.00 -8.45
C GLN A 197 14.64 17.53 -8.44
N PHE A 198 14.83 16.21 -8.42
CA PHE A 198 16.15 15.59 -8.52
C PHE A 198 16.12 14.23 -9.22
N GLU A 199 17.29 13.60 -9.32
CA GLU A 199 17.49 12.39 -10.12
C GLU A 199 18.73 11.69 -9.61
N PHE A 200 18.71 10.37 -9.57
CA PHE A 200 19.91 9.62 -9.21
C PHE A 200 19.94 8.15 -9.63
N SER A 201 21.14 7.60 -9.71
CA SER A 201 21.36 6.19 -10.03
C SER A 201 21.73 5.42 -8.78
N LEU A 202 21.89 4.12 -8.93
CA LEU A 202 22.31 3.25 -7.82
C LEU A 202 23.77 3.47 -7.45
N PRO A 203 24.10 3.32 -6.16
CA PRO A 203 25.49 3.38 -5.73
C PRO A 203 26.28 2.25 -6.36
N SER A 204 27.56 2.51 -6.61
CA SER A 204 28.46 1.55 -7.25
C SER A 204 28.36 0.14 -6.65
N GLU A 205 28.39 0.07 -5.32
CA GLU A 205 28.37 -1.21 -4.62
C GLU A 205 27.03 -1.93 -4.73
N LEU A 206 26.00 -1.22 -5.20
CA LEU A 206 24.69 -1.80 -5.38
C LEU A 206 24.44 -2.25 -6.81
N GLU A 207 25.13 -1.63 -7.77
CA GLU A 207 25.07 -2.07 -9.16
C GLU A 207 25.70 -3.46 -9.29
N GLU A 208 26.60 -3.77 -8.37
CA GLU A 208 27.25 -5.08 -8.28
C GLU A 208 26.21 -6.23 -8.27
N LEU A 209 25.11 -6.04 -7.53
CA LEU A 209 23.97 -6.98 -7.56
C LEU A 209 23.28 -6.96 -8.91
N PRO A 210 23.30 -8.09 -9.63
CA PRO A 210 22.73 -8.15 -10.99
C PRO A 210 21.25 -7.77 -11.03
N VAL A 211 20.83 -7.06 -12.06
CA VAL A 211 19.43 -6.62 -12.23
C VAL A 211 18.45 -7.79 -12.17
N GLU A 212 18.88 -8.94 -12.70
CA GLU A 212 18.04 -10.13 -12.78
C GLU A 212 17.75 -10.75 -11.40
N GLU A 213 18.70 -10.66 -10.49
CA GLU A 213 18.56 -11.15 -9.12
C GLU A 213 17.86 -10.11 -8.25
N TYR A 214 18.23 -8.85 -8.42
CA TYR A 214 17.68 -7.73 -7.65
C TYR A 214 17.04 -6.72 -8.56
N SER A 215 15.82 -7.04 -8.95
CA SER A 215 15.03 -6.23 -9.85
C SER A 215 14.42 -5.07 -9.09
N PRO A 216 14.09 -3.99 -9.81
CA PRO A 216 13.43 -2.85 -9.18
C PRO A 216 11.99 -3.23 -8.86
N LEU A 217 11.61 -3.19 -7.59
CA LEU A 217 10.29 -3.68 -7.18
C LEU A 217 9.37 -2.57 -6.67
N SER A 218 9.92 -1.60 -5.92
CA SER A 218 9.07 -0.71 -5.16
C SER A 218 9.71 0.61 -4.68
N VAL A 219 8.99 1.73 -4.80
CA VAL A 219 9.32 2.97 -4.09
C VAL A 219 8.22 3.40 -3.16
N THR A 220 8.62 4.10 -2.10
CA THR A 220 7.70 4.73 -1.18
C THR A 220 8.32 6.02 -0.73
N ILE A 221 7.57 7.11 -0.84
CA ILE A 221 7.95 8.39 -0.29
C ILE A 221 7.66 8.38 1.20
N LEU A 222 8.70 8.53 2.02
CA LEU A 222 8.49 8.57 3.48
C LEU A 222 8.46 10.02 3.94
N SER A 223 9.17 10.88 3.22
CA SER A 223 9.22 12.32 3.44
C SER A 223 9.70 12.92 2.13
N PRO A 224 9.62 14.24 1.97
CA PRO A 224 10.11 14.85 0.72
C PRO A 224 11.58 14.50 0.43
N GLN A 225 12.31 14.05 1.47
CA GLN A 225 13.74 13.71 1.35
C GLN A 225 14.10 12.20 1.38
N ASP A 226 13.30 11.41 2.08
CA ASP A 226 13.52 9.97 2.19
C ASP A 226 12.68 9.15 1.21
N PHE A 227 13.22 8.01 0.80
CA PHE A 227 12.46 6.99 0.09
C PHE A 227 12.83 5.62 0.65
N LEU A 228 11.92 4.67 0.45
CA LEU A 228 12.20 3.29 0.75
C LEU A 228 12.07 2.54 -0.56
N ALA A 229 13.12 1.83 -0.96
CA ALA A 229 13.15 1.08 -2.21
C ALA A 229 13.36 -0.39 -1.95
N VAL A 230 12.77 -1.23 -2.79
CA VAL A 230 13.01 -2.66 -2.68
C VAL A 230 13.43 -3.28 -4.00
N PHE A 231 14.42 -4.18 -3.91
CA PHE A 231 14.92 -4.92 -5.05
C PHE A 231 14.89 -6.40 -4.70
N GLY A 232 14.55 -7.24 -5.68
CA GLY A 232 14.41 -8.65 -5.43
C GLY A 232 14.08 -9.40 -6.69
N ASN A 233 13.88 -10.71 -6.55
CA ASN A 233 13.64 -11.58 -7.69
C ASN A 233 12.34 -11.20 -8.38
N VAL A 234 12.29 -11.44 -9.69
CA VAL A 234 11.09 -11.15 -10.47
C VAL A 234 10.17 -12.36 -10.46
N ILE A 235 8.91 -12.15 -10.06
CA ILE A 235 7.97 -13.26 -9.94
C ILE A 235 6.97 -13.40 -11.10
N SER A 236 6.65 -14.64 -11.47
CA SER A 236 5.79 -14.92 -12.63
C SER A 236 4.29 -15.01 -12.27
N GLU A 237 3.46 -14.53 -13.20
CA GLU A 237 1.99 -14.54 -13.08
C GLU A 237 1.41 -15.89 -12.57
N THR A 238 1.90 -16.99 -13.13
CA THR A 238 1.46 -18.32 -12.73
C THR A 238 2.66 -19.19 -12.35
N ASP A 239 2.86 -19.38 -11.06
CA ASP A 239 3.79 -20.38 -10.54
C ASP A 239 3.33 -20.92 -9.19
N ASP A 240 3.24 -22.25 -9.08
CA ASP A 240 2.68 -22.88 -7.89
C ASP A 240 3.48 -22.57 -6.63
N GLU A 241 4.80 -22.80 -6.70
CA GLU A 241 5.72 -22.66 -5.57
C GLU A 241 6.39 -21.27 -5.56
N VAL A 242 6.62 -20.70 -4.37
CA VAL A 242 7.17 -19.34 -4.28
C VAL A 242 8.01 -19.02 -3.03
N SER A 243 9.14 -18.37 -3.28
CA SER A 243 10.05 -17.89 -2.27
C SER A 243 10.43 -16.46 -2.68
N TYR A 244 10.45 -15.52 -1.74
CA TYR A 244 10.92 -14.15 -2.06
C TYR A 244 12.30 -13.84 -1.49
N ASP A 245 13.14 -13.24 -2.31
CA ASP A 245 14.42 -12.73 -1.86
C ASP A 245 14.52 -11.23 -2.16
N GLN A 246 14.55 -10.41 -1.12
CA GLN A 246 14.43 -8.97 -1.31
C GLN A 246 15.40 -8.15 -0.47
N LYS A 247 15.88 -7.04 -1.03
CA LYS A 247 16.68 -6.10 -0.27
C LYS A 247 16.01 -4.74 -0.16
N TYR A 249 16.14 -0.67 1.02
CA TYR A 249 17.03 0.45 1.24
C TYR A 249 16.27 1.70 1.58
N ILE A 250 16.75 2.42 2.58
CA ILE A 250 16.29 3.76 2.85
C ILE A 250 17.22 4.74 2.12
N ILE A 251 16.66 5.58 1.27
CA ILE A 251 17.42 6.58 0.56
C ILE A 251 17.07 7.93 1.16
N LYS A 252 18.07 8.57 1.77
CA LYS A 252 17.96 9.96 2.24
C LYS A 252 18.74 10.80 1.26
N HIS A 253 18.07 11.79 0.68
CA HIS A 253 18.70 12.66 -0.30
C HIS A 253 19.04 14.03 0.28
N ILE A 254 20.32 14.21 0.63
CA ILE A 254 20.82 15.47 1.15
C ILE A 254 21.66 16.17 0.10
N ASP A 255 21.18 17.33 -0.34
CA ASP A 255 21.95 18.28 -1.18
C ASP A 255 22.64 17.71 -2.44
N GLY A 256 21.84 17.24 -3.39
CA GLY A 256 22.33 16.72 -4.65
C GLY A 256 23.09 15.41 -4.55
N SER A 257 22.91 14.69 -3.45
CA SER A 257 23.52 13.36 -3.26
C SER A 257 22.66 12.44 -2.40
N ALA A 258 22.24 11.32 -2.99
CA ALA A 258 21.45 10.32 -2.29
C ALA A 258 22.37 9.37 -1.53
N SER A 259 21.99 9.01 -0.32
CA SER A 259 22.65 7.92 0.39
C SER A 259 21.69 6.73 0.51
N PHE A 260 22.19 5.53 0.27
CA PHE A 260 21.41 4.35 0.44
C PHE A 260 21.86 3.67 1.72
N GLN A 261 20.94 2.99 2.41
CA GLN A 261 21.27 2.25 3.62
C GLN A 261 20.34 1.05 3.73
N GLU A 262 20.89 -0.13 4.01
CA GLU A 262 20.12 -1.37 4.08
C GLU A 262 19.32 -1.48 5.36
N THR A 263 18.12 -2.07 5.26
CA THR A 263 17.46 -2.69 6.42
C THR A 263 17.16 -4.13 6.15
N PHE A 264 17.19 -4.89 7.24
CA PHE A 264 16.70 -6.23 7.26
C PHE A 264 15.49 -6.28 8.14
N ASP A 265 15.04 -5.11 8.61
CA ASP A 265 13.95 -5.06 9.62
C ASP A 265 12.65 -4.43 9.15
N ILE A 266 12.57 -4.06 7.88
CA ILE A 266 11.32 -3.62 7.33
C ILE A 266 10.74 -4.75 6.51
N THR A 267 9.61 -5.29 6.97
CA THR A 267 8.79 -6.16 6.14
C THR A 267 9.56 -7.34 5.52
N PRO A 268 10.24 -8.17 6.31
CA PRO A 268 10.93 -9.33 5.73
C PRO A 268 10.01 -10.24 4.89
N PRO A 269 10.43 -10.58 3.67
CA PRO A 269 9.56 -11.24 2.70
C PRO A 269 9.51 -12.75 2.84
N PHE A 270 8.82 -13.25 3.87
CA PHE A 270 8.64 -14.68 4.08
C PHE A 270 7.35 -15.21 3.46
N GLY A 271 6.70 -14.39 2.66
CA GLY A 271 5.43 -14.77 2.06
C GLY A 271 5.48 -16.04 1.24
N GLN A 272 4.37 -16.79 1.22
CA GLN A 272 4.24 -18.01 0.38
C GLN A 272 3.07 -18.01 -0.62
N ILE A 273 2.42 -16.87 -0.80
CA ILE A 273 1.43 -16.73 -1.88
C ILE A 273 2.05 -15.88 -2.98
N VAL A 274 1.75 -16.21 -4.23
CA VAL A 274 2.18 -15.40 -5.37
C VAL A 274 1.51 -14.06 -5.32
N ARG A 275 2.33 -13.03 -5.19
CA ARG A 275 1.87 -11.66 -5.09
C ARG A 275 2.74 -10.77 -5.91
N PHE A 276 2.11 -9.78 -6.52
CA PHE A 276 2.82 -8.67 -7.12
C PHE A 276 3.38 -7.81 -5.99
N PRO A 277 4.66 -7.47 -6.05
CA PRO A 277 5.32 -6.60 -5.07
C PRO A 277 4.71 -5.24 -4.88
N TYR A 278 4.30 -4.93 -3.65
CA TYR A 278 3.75 -3.63 -3.33
C TYR A 278 3.90 -3.35 -1.84
N TYR A 280 2.64 -1.32 1.36
CA TYR A 280 1.53 -0.59 1.99
C TYR A 280 2.05 0.45 2.97
N LYS A 281 1.53 1.68 2.87
CA LYS A 281 1.97 2.78 3.73
C LYS A 281 0.80 3.59 4.30
N VAL A 282 0.83 3.77 5.61
CA VAL A 282 -0.12 4.58 6.32
C VAL A 282 0.70 5.61 7.09
N THR A 283 0.29 6.87 7.00
CA THR A 283 1.04 7.96 7.61
C THR A 283 0.26 8.56 8.76
N LEU A 284 0.90 8.61 9.93
CA LEU A 284 0.34 9.25 11.12
C LEU A 284 1.21 10.43 11.54
N SER A 285 1.01 11.57 10.89
CA SER A 285 1.71 12.81 11.22
C SER A 285 1.29 13.32 12.61
N GLY A 286 2.28 13.66 13.43
CA GLY A 286 2.04 14.13 14.78
C GLY A 286 1.81 13.03 15.82
N LEU A 287 2.25 11.79 15.53
CA LEU A 287 2.17 10.77 16.59
C LEU A 287 3.33 10.90 17.58
N ILE A 288 4.42 11.57 17.18
CA ILE A 288 5.50 11.92 18.12
C ILE A 288 5.71 13.43 18.30
N GLU A 289 5.90 14.18 17.19
CA GLU A 289 6.16 15.65 17.24
C GLU A 289 5.84 16.42 15.91
N PRO A 290 6.05 17.76 15.89
CA PRO A 290 5.58 18.64 14.78
C PRO A 290 6.16 18.44 13.36
N ASP A 291 7.38 17.90 13.22
CA ASP A 291 7.92 17.51 11.90
C ASP A 291 8.10 15.99 11.82
N ALA A 292 7.32 15.27 12.63
CA ALA A 292 7.47 13.82 12.78
C ALA A 292 6.21 13.03 12.50
N ASN A 293 6.26 12.38 11.35
CA ASN A 293 5.24 11.45 10.93
C ASN A 293 5.77 10.04 11.06
N VAL A 294 5.02 9.23 11.78
CA VAL A 294 5.26 7.80 11.87
C VAL A 294 4.61 7.14 10.65
N ASN A 295 5.35 6.30 9.96
CA ASN A 295 4.78 5.50 8.87
C ASN A 295 4.71 4.05 9.22
N VAL A 296 3.50 3.50 9.18
CA VAL A 296 3.26 2.08 9.35
C VAL A 296 3.37 1.43 8.00
N LEU A 297 4.16 0.35 7.93
CA LEU A 297 4.44 -0.31 6.66
C LEU A 297 4.14 -1.80 6.68
N ALA A 298 3.65 -2.31 5.55
CA ALA A 298 3.33 -3.71 5.39
C ALA A 298 3.57 -4.01 3.94
N SER A 299 3.57 -5.30 3.61
CA SER A 299 4.03 -5.72 2.30
C SER A 299 3.16 -6.84 1.81
N SER A 300 2.94 -6.87 0.49
CA SER A 300 2.24 -7.98 -0.17
C SER A 300 3.04 -9.29 -0.01
N CYS A 301 4.32 -9.18 0.31
CA CYS A 301 5.18 -10.36 0.42
C CYS A 301 5.59 -10.70 1.82
N SER A 302 4.84 -10.23 2.82
CA SER A 302 5.28 -10.40 4.19
C SER A 302 4.10 -10.38 5.15
N SER A 303 4.28 -10.97 6.32
CA SER A 303 3.23 -11.00 7.35
C SER A 303 3.53 -10.02 8.46
N GLU A 304 4.60 -9.25 8.32
CA GLU A 304 5.00 -8.36 9.37
C GLU A 304 4.67 -6.92 9.08
N VAL A 305 4.42 -6.17 10.13
CA VAL A 305 4.11 -4.76 10.02
C VAL A 305 5.21 -3.96 10.71
N SER A 306 5.84 -3.05 9.98
CA SER A 306 6.95 -2.27 10.49
C SER A 306 6.56 -0.86 10.85
N ILE A 307 7.40 -0.21 11.65
CA ILE A 307 7.23 1.20 11.98
C ILE A 307 8.49 1.98 11.59
N TRP A 308 8.30 3.09 10.88
CA TRP A 308 9.36 4.02 10.55
C TRP A 308 9.06 5.35 11.22
N ASP A 309 9.98 5.88 12.04
CA ASP A 309 9.68 7.12 12.78
C ASP A 309 10.18 8.43 12.11
N SER A 310 10.66 8.33 10.87
CA SER A 310 11.19 9.49 10.12
C SER A 310 12.72 9.43 10.01
N LYS A 311 13.35 8.68 10.92
CA LYS A 311 14.82 8.61 10.95
C LYS A 311 15.39 7.18 11.10
N GLN A 312 14.60 6.28 11.69
CA GLN A 312 15.02 4.90 11.88
C GLN A 312 13.81 3.99 12.07
N VAL A 313 14.07 2.67 12.05
CA VAL A 313 13.05 1.65 12.26
C VAL A 313 12.87 1.43 13.75
N ILE A 314 11.64 1.26 14.18
CA ILE A 314 11.36 1.06 15.60
C ILE A 314 10.73 -0.28 15.88
N GLU A 315 11.35 -1.03 16.77
CA GLU A 315 10.74 -2.24 17.28
C GLU A 315 10.20 -1.90 18.66
N PRO A 316 8.97 -2.33 18.94
CA PRO A 316 8.44 -2.28 20.30
C PRO A 316 9.26 -3.20 21.21
N SER A 317 9.26 -2.91 22.51
CA SER A 317 10.14 -3.62 23.45
C SER A 317 9.63 -4.99 23.90
N GLN A 318 8.42 -5.34 23.46
CA GLN A 318 7.85 -6.65 23.82
C GLN A 318 7.06 -7.26 22.67
N ASP A 319 6.97 -8.59 22.67
CA ASP A 319 6.45 -9.33 21.50
C ASP A 319 4.93 -9.26 21.29
N SER A 320 4.17 -8.99 22.34
CA SER A 320 2.72 -8.83 22.23
C SER A 320 2.33 -7.50 21.56
N GLU A 321 3.31 -6.60 21.42
CA GLU A 321 3.09 -5.24 20.92
C GLU A 321 3.43 -5.08 19.43
N ARG A 322 3.72 -6.20 18.76
CA ARG A 322 4.00 -6.20 17.32
C ARG A 322 2.74 -6.55 16.54
N ALA A 323 2.49 -5.79 15.48
CA ALA A 323 1.41 -6.11 14.53
C ALA A 323 1.91 -7.07 13.49
N VAL A 324 1.21 -8.20 13.39
CA VAL A 324 1.57 -9.29 12.50
C VAL A 324 0.26 -9.81 11.95
N LEU A 325 0.26 -10.28 10.66
CA LEU A 325 -1.00 -10.84 10.13
C LEU A 325 -1.02 -12.36 10.22
N PRO A 326 -2.22 -12.89 10.54
CA PRO A 326 -2.39 -14.25 11.05
C PRO A 326 -1.92 -15.33 10.08
N ILE A 327 -1.65 -16.52 10.61
CA ILE A 327 -1.50 -17.73 9.82
C ILE A 327 -2.92 -18.19 9.46
N SER A 328 -3.09 -18.77 8.27
CA SER A 328 -4.42 -19.21 7.82
C SER A 328 -4.90 -20.46 8.57
N GLU A 329 -6.14 -20.42 9.04
CA GLU A 329 -6.71 -21.56 9.75
C GLU A 329 -6.93 -22.73 8.79
N GLU A 330 -7.08 -22.41 7.50
CA GLU A 330 -7.30 -23.41 6.46
C GLU A 330 -6.01 -24.01 5.90
N THR A 331 -5.12 -23.17 5.40
CA THR A 331 -3.92 -23.65 4.71
C THR A 331 -2.70 -23.79 5.63
N ASP A 332 -2.76 -23.14 6.79
CA ASP A 332 -1.59 -23.03 7.68
C ASP A 332 -0.42 -22.28 7.04
N LYS A 333 -0.71 -21.50 6.00
CA LYS A 333 0.25 -20.60 5.37
C LYS A 333 0.11 -19.21 5.99
N ASP A 334 1.16 -18.41 5.86
CA ASP A 334 1.14 -17.01 6.27
C ASP A 334 0.28 -16.19 5.32
N THR A 335 -0.51 -15.29 5.87
CA THR A 335 -1.30 -14.39 5.05
C THR A 335 -0.54 -13.07 4.84
N ASN A 336 -0.97 -12.29 3.83
CA ASN A 336 -0.47 -10.94 3.59
C ASN A 336 -1.62 -9.96 3.34
N PRO A 337 -1.35 -8.66 3.44
CA PRO A 337 -2.41 -7.65 3.29
C PRO A 337 -2.79 -7.42 1.83
N ILE A 338 -4.05 -7.15 1.58
CA ILE A 338 -4.49 -6.74 0.25
C ILE A 338 -5.05 -5.31 0.31
N GLY A 339 -5.19 -4.79 1.53
CA GLY A 339 -5.54 -3.39 1.77
C GLY A 339 -5.25 -2.98 3.20
N VAL A 340 -5.04 -1.67 3.42
CA VAL A 340 -4.70 -1.10 4.73
C VAL A 340 -5.36 0.27 4.82
N ALA A 341 -5.89 0.64 5.96
CA ALA A 341 -6.55 1.94 6.08
C ALA A 341 -6.59 2.43 7.53
N VAL A 342 -6.87 3.72 7.72
CA VAL A 342 -6.82 4.32 9.06
C VAL A 342 -8.14 4.88 9.53
N ASP A 343 -8.50 4.49 10.74
CA ASP A 343 -9.74 4.86 11.38
C ASP A 343 -9.44 5.72 12.60
N VAL A 344 -10.07 6.89 12.63
CA VAL A 344 -9.79 7.94 13.58
C VAL A 344 -11.07 8.35 14.33
N VAL A 345 -12.23 7.90 13.85
CA VAL A 345 -13.52 8.47 14.31
C VAL A 345 -14.46 7.58 15.13
N THR A 346 -14.32 6.25 15.04
CA THR A 346 -15.19 5.32 15.79
C THR A 346 -14.97 5.40 17.32
N SER A 347 -15.93 4.90 18.10
CA SER A 347 -15.77 4.78 19.56
C SER A 347 -15.78 3.32 20.03
N GLY A 348 -15.26 3.16 21.24
CA GLY A 348 -15.15 1.85 21.87
C GLY A 348 -16.16 1.68 22.98
N LEU A 363 -5.80 6.69 20.36
CA LEU A 363 -4.93 6.13 19.33
C LEU A 363 -5.62 5.91 17.96
N PRO A 364 -4.85 6.08 16.87
CA PRO A 364 -5.37 5.81 15.53
C PRO A 364 -5.45 4.29 15.31
N LEU A 365 -6.40 3.85 14.48
CA LEU A 365 -6.63 2.44 14.30
C LEU A 365 -6.27 2.07 12.89
N VAL A 366 -5.43 1.06 12.74
CA VAL A 366 -5.06 0.55 11.44
C VAL A 366 -5.87 -0.71 11.14
N TYR A 367 -6.68 -0.64 10.08
CA TYR A 367 -7.43 -1.80 9.59
C TYR A 367 -6.60 -2.45 8.50
N ILE A 368 -6.44 -3.76 8.59
CA ILE A 368 -5.66 -4.53 7.60
C ILE A 368 -6.49 -5.70 7.06
N LEU A 369 -6.58 -5.80 5.72
CA LEU A 369 -7.36 -6.84 5.02
C LEU A 369 -6.46 -7.91 4.36
N ASN A 370 -6.77 -9.18 4.65
CA ASN A 370 -6.08 -10.40 4.17
C ASN A 370 -6.26 -10.75 2.72
N ASN A 371 -5.44 -11.66 2.24
CA ASN A 371 -5.71 -12.45 1.04
C ASN A 371 -6.85 -13.44 1.26
N GLU A 372 -7.35 -13.52 2.49
CA GLU A 372 -8.47 -14.40 2.79
C GLU A 372 -9.77 -13.67 3.21
N GLY A 373 -9.86 -12.37 3.00
CA GLY A 373 -11.04 -11.62 3.37
C GLY A 373 -11.16 -11.39 4.86
N SER A 374 -10.11 -11.74 5.59
CA SER A 374 -10.08 -11.47 7.02
C SER A 374 -9.62 -10.06 7.26
N LEU A 375 -10.20 -9.41 8.25
CA LEU A 375 -9.84 -8.05 8.60
C LEU A 375 -9.38 -7.99 10.03
N GLN A 376 -8.27 -7.30 10.23
CA GLN A 376 -7.66 -7.14 11.53
C GLN A 376 -7.68 -5.64 11.93
N ILE A 377 -8.04 -5.35 13.18
CA ILE A 377 -7.90 -3.99 13.70
C ILE A 377 -6.81 -3.94 14.75
N VAL A 378 -5.89 -3.00 14.57
CA VAL A 378 -4.72 -2.87 15.42
C VAL A 378 -4.56 -1.40 15.86
N GLY A 379 -4.63 -1.15 17.15
CA GLY A 379 -4.42 0.19 17.66
C GLY A 379 -2.96 0.45 17.91
N LEU A 380 -2.40 1.49 17.29
CA LEU A 380 -1.02 1.87 17.57
C LEU A 380 -0.98 2.92 18.65
N PHE A 381 -0.30 2.60 19.75
CA PHE A 381 -0.31 3.49 20.91
C PHE A 381 0.96 4.33 21.07
N HIS A 382 0.79 5.44 21.80
CA HIS A 382 1.86 6.38 22.18
C HIS A 382 3.07 6.39 21.24
#